data_6X8H
#
_entry.id   6X8H
#
_cell.length_a   62.498
_cell.length_b   62.498
_cell.length_c   129.360
_cell.angle_alpha   90.000
_cell.angle_beta   90.000
_cell.angle_gamma   120.000
#
_symmetry.space_group_name_H-M   'P 31 2 1'
#
loop_
_entity.id
_entity.type
_entity.pdbx_description
1 polymer Caspase-8
2 polymer Caspase-8
3 polymer Ac-DW3-KE
4 water water
#
loop_
_entity_poly.entity_id
_entity_poly.type
_entity_poly.pdbx_seq_one_letter_code
_entity_poly.pdbx_strand_id
1 'polypeptide(L)'
;SESQTLDKVYQMKSKPRGYCLIINNHNFAKAREKVPKLHSIRDRNGTHLDAGALTTTFEELHFEIKPHDDCTVEQIYEIL
KIYQLMDHSNMDCFICCILSHGDKGIIYGTDGQEAPIYELTSQFTGLKCPSLAGKPKVFFIQACQGDNYQKGIPVETDSE
EQPYLEMD
;
A
2 'polypeptide(L)'
;LSSPQTRYIPDEADFLLGMATVNNCVSYRNPAEGTWYIQSLCQSLRERCPRGDDILTILTEVNYEVSNKDDKKNMGKQMP
QPTFTLRKKLVFPSD
;
B
3 'polypeptide(L)' (ACE)(1MH)D(B3L)F(Y1Y) C
#
loop_
_chem_comp.id
_chem_comp.type
_chem_comp.name
_chem_comp.formula
ACE non-polymer 'ACETYL GROUP' 'C2 H4 O'
Y1Y non-polymer '3-amino-2,3-dideoxy-5-O-(5-methylthiophene-2-carbonyl)-D-erythro-pentonic acid' 'C11 H15 N O5 S'
#
# COMPACT_ATOMS: atom_id res chain seq x y z
N ASP A 7 -13.35 -21.65 -9.58
CA ASP A 7 -12.31 -20.63 -9.42
C ASP A 7 -11.13 -21.18 -8.63
N LYS A 8 -9.95 -21.15 -9.24
CA LYS A 8 -8.74 -21.41 -8.50
C LYS A 8 -8.49 -20.30 -7.48
N VAL A 9 -8.00 -20.70 -6.30
CA VAL A 9 -7.74 -19.81 -5.17
C VAL A 9 -6.30 -20.04 -4.67
N TYR A 10 -5.58 -18.96 -4.38
CA TYR A 10 -4.23 -19.14 -3.86
C TYR A 10 -4.30 -19.87 -2.52
N GLN A 11 -3.40 -20.82 -2.32
CA GLN A 11 -3.31 -21.44 -1.01
C GLN A 11 -3.04 -20.38 0.05
N MET A 12 -3.79 -20.43 1.15
CA MET A 12 -3.64 -19.46 2.23
C MET A 12 -3.94 -20.18 3.53
N LYS A 13 -3.00 -21.01 3.95
CA LYS A 13 -3.19 -21.94 5.06
C LYS A 13 -2.08 -21.86 6.10
N SER A 14 -0.90 -21.31 5.76
CA SER A 14 0.22 -21.34 6.69
C SER A 14 -0.05 -20.40 7.84
N LYS A 15 0.58 -20.68 8.97
CA LYS A 15 0.45 -19.86 10.17
C LYS A 15 1.86 -19.59 10.67
N PRO A 16 2.40 -18.39 10.47
CA PRO A 16 1.73 -17.21 9.90
C PRO A 16 1.58 -17.34 8.40
N ARG A 17 0.68 -16.51 7.82
CA ARG A 17 0.53 -16.48 6.37
C ARG A 17 1.78 -16.00 5.68
N GLY A 18 2.52 -15.11 6.32
CA GLY A 18 3.67 -14.49 5.71
C GLY A 18 3.99 -13.24 6.49
N TYR A 19 4.98 -12.49 5.98
CA TYR A 19 5.34 -11.20 6.54
C TYR A 19 4.44 -10.10 5.98
N CYS A 20 4.15 -9.12 6.83
CA CYS A 20 3.52 -7.89 6.37
C CYS A 20 4.45 -6.73 6.79
N LEU A 21 5.23 -6.23 5.84
CA LEU A 21 6.11 -5.10 6.12
C LEU A 21 5.30 -3.83 6.16
N ILE A 22 5.64 -2.94 7.10
CA ILE A 22 5.07 -1.59 7.15
C ILE A 22 6.22 -0.61 7.16
N ILE A 23 6.31 0.22 6.13
CA ILE A 23 7.25 1.34 6.06
C ILE A 23 6.47 2.60 6.35
N ASN A 24 6.69 3.19 7.50
CA ASN A 24 5.84 4.24 8.02
C ASN A 24 6.67 5.53 8.08
N ASN A 25 6.56 6.38 7.06
CA ASN A 25 7.39 7.58 6.98
C ASN A 25 6.66 8.78 7.55
N HIS A 26 7.22 9.35 8.62
CA HIS A 26 6.62 10.51 9.27
C HIS A 26 7.44 11.79 9.13
N ASN A 27 8.75 11.74 9.38
CA ASN A 27 9.57 12.93 9.59
C ASN A 27 10.30 13.29 8.31
N PHE A 28 9.89 14.39 7.70
CA PHE A 28 10.46 14.82 6.43
C PHE A 28 11.36 16.03 6.54
N ALA A 29 11.89 16.28 7.75
CA ALA A 29 12.83 17.38 7.93
C ALA A 29 13.99 17.29 6.95
N LYS A 30 14.50 16.08 6.70
CA LYS A 30 15.64 16.01 5.80
C LYS A 30 15.27 16.40 4.37
N ALA A 31 14.09 15.95 3.89
CA ALA A 31 13.63 16.42 2.58
C ALA A 31 13.55 17.93 2.55
N ARG A 32 12.97 18.54 3.58
CA ARG A 32 12.80 19.99 3.60
C ARG A 32 14.14 20.70 3.51
N GLU A 33 15.19 20.10 4.10
CA GLU A 33 16.50 20.75 4.18
C GLU A 33 17.27 20.56 2.87
N LYS A 34 17.16 19.39 2.25
CA LYS A 34 18.05 18.98 1.18
C LYS A 34 17.47 19.12 -0.23
N VAL A 35 16.15 18.97 -0.41
CA VAL A 35 15.56 18.93 -1.75
C VAL A 35 14.80 20.23 -1.98
N PRO A 36 15.30 21.14 -2.83
CA PRO A 36 14.72 22.49 -2.89
C PRO A 36 13.22 22.50 -3.13
N LYS A 37 12.73 21.69 -4.07
CA LYS A 37 11.30 21.66 -4.38
C LYS A 37 10.44 21.05 -3.26
N LEU A 38 11.04 20.46 -2.24
CA LEU A 38 10.27 19.91 -1.13
C LEU A 38 10.42 20.76 0.13
N HIS A 39 10.80 22.03 -0.01
CA HIS A 39 11.06 22.84 1.16
C HIS A 39 9.86 22.94 2.09
N SER A 40 8.63 22.71 1.60
CA SER A 40 7.43 22.87 2.41
C SER A 40 6.63 21.58 2.60
N ILE A 41 7.17 20.43 2.19
CA ILE A 41 6.39 19.20 2.33
C ILE A 41 6.33 18.86 3.83
N ARG A 42 5.14 18.51 4.31
CA ARG A 42 4.94 18.45 5.75
C ARG A 42 5.28 17.08 6.35
N ASP A 43 5.60 17.09 7.65
CA ASP A 43 5.62 15.81 8.37
C ASP A 43 4.25 15.17 8.30
N ARG A 44 4.22 13.84 8.23
CA ARG A 44 2.97 13.15 7.95
C ARG A 44 2.26 12.82 9.27
N ASN A 45 1.82 13.88 9.94
CA ASN A 45 1.18 13.72 11.25
C ASN A 45 -0.02 12.80 11.14
N GLY A 46 -0.14 11.86 12.09
CA GLY A 46 -1.22 10.89 12.10
C GLY A 46 -0.92 9.61 11.37
N THR A 47 0.25 9.49 10.75
CA THR A 47 0.53 8.27 10.00
C THR A 47 0.55 7.03 10.89
N HIS A 48 0.91 7.18 12.17
CA HIS A 48 0.93 6.04 13.08
C HIS A 48 -0.45 5.42 13.25
N LEU A 49 -1.51 6.19 13.02
CA LEU A 49 -2.85 5.60 13.07
C LEU A 49 -3.06 4.59 11.96
N ASP A 50 -2.48 4.84 10.79
CA ASP A 50 -2.55 3.84 9.72
C ASP A 50 -1.66 2.66 10.01
N ALA A 51 -0.42 2.90 10.50
CA ALA A 51 0.44 1.79 10.86
C ALA A 51 -0.24 0.88 11.89
N GLY A 52 -0.93 1.47 12.86
CA GLY A 52 -1.62 0.67 13.85
C GLY A 52 -2.81 -0.06 13.28
N ALA A 53 -3.59 0.60 12.42
CA ALA A 53 -4.72 -0.07 11.81
C ALA A 53 -4.26 -1.25 10.96
N LEU A 54 -3.18 -1.08 10.20
CA LEU A 54 -2.66 -2.17 9.40
C LEU A 54 -2.15 -3.30 10.29
N THR A 55 -1.53 -2.94 11.40
CA THR A 55 -1.05 -3.96 12.35
C THR A 55 -2.20 -4.79 12.89
N THR A 56 -3.25 -4.13 13.40
CA THR A 56 -4.41 -4.84 13.91
C THR A 56 -5.01 -5.72 12.85
N THR A 57 -5.22 -5.16 11.65
CA THR A 57 -5.92 -5.86 10.58
C THR A 57 -5.16 -7.09 10.15
N PHE A 58 -3.88 -6.94 9.86
CA PHE A 58 -3.15 -8.07 9.30
C PHE A 58 -2.70 -9.07 10.37
N GLU A 59 -2.59 -8.65 11.62
CA GLU A 59 -2.39 -9.65 12.67
C GLU A 59 -3.64 -10.51 12.82
N GLU A 60 -4.82 -9.91 12.71
CA GLU A 60 -6.07 -10.66 12.76
C GLU A 60 -6.17 -11.66 11.60
N LEU A 61 -5.53 -11.34 10.48
CA LEU A 61 -5.50 -12.21 9.31
C LEU A 61 -4.28 -13.11 9.29
N HIS A 62 -3.56 -13.18 10.41
CA HIS A 62 -2.51 -14.17 10.64
C HIS A 62 -1.18 -13.85 9.95
N PHE A 63 -0.87 -12.56 9.73
CA PHE A 63 0.44 -12.19 9.21
C PHE A 63 1.34 -11.74 10.35
N GLU A 64 2.65 -11.90 10.15
CA GLU A 64 3.69 -11.43 11.07
C GLU A 64 4.10 -10.02 10.66
N ILE A 65 3.83 -9.03 11.54
CA ILE A 65 4.00 -7.64 11.18
C ILE A 65 5.44 -7.22 11.46
N LYS A 66 6.02 -6.52 10.48
CA LYS A 66 7.40 -6.05 10.52
C LYS A 66 7.41 -4.55 10.26
N PRO A 67 7.32 -3.72 11.30
CA PRO A 67 7.23 -2.27 11.09
C PRO A 67 8.60 -1.60 11.10
N HIS A 68 8.69 -0.56 10.26
CA HIS A 68 9.89 0.27 10.17
C HIS A 68 9.46 1.72 10.06
N ASP A 69 9.98 2.58 10.92
CA ASP A 69 9.61 3.99 10.93
C ASP A 69 10.71 4.85 10.31
N ASP A 70 10.30 5.87 9.54
CA ASP A 70 11.19 6.95 9.08
C ASP A 70 12.38 6.45 8.28
N CYS A 71 12.13 6.05 7.05
CA CYS A 71 13.14 5.43 6.20
C CYS A 71 13.47 6.33 5.03
N THR A 72 14.76 6.57 4.82
CA THR A 72 15.23 7.18 3.58
C THR A 72 15.09 6.18 2.43
N VAL A 73 15.31 6.64 1.20
CA VAL A 73 15.23 5.71 0.07
C VAL A 73 16.24 4.58 0.22
N GLU A 74 17.47 4.91 0.61
CA GLU A 74 18.48 3.86 0.78
C GLU A 74 18.05 2.86 1.84
N GLN A 75 17.42 3.33 2.92
CA GLN A 75 16.97 2.42 3.97
C GLN A 75 15.82 1.55 3.50
N ILE A 76 14.93 2.08 2.67
CA ILE A 76 13.84 1.29 2.12
C ILE A 76 14.39 0.13 1.29
N TYR A 77 15.31 0.43 0.35
CA TYR A 77 15.88 -0.64 -0.47
C TYR A 77 16.60 -1.67 0.40
N GLU A 78 17.24 -1.24 1.47
CA GLU A 78 17.92 -2.18 2.34
C GLU A 78 16.93 -3.11 3.05
N ILE A 79 15.79 -2.58 3.51
CA ILE A 79 14.77 -3.42 4.13
C ILE A 79 14.20 -4.40 3.11
N LEU A 80 13.90 -3.92 1.90
CA LEU A 80 13.34 -4.81 0.89
C LEU A 80 14.33 -5.91 0.53
N LYS A 81 15.62 -5.55 0.41
CA LYS A 81 16.65 -6.57 0.16
C LYS A 81 16.67 -7.63 1.25
N ILE A 82 16.53 -7.25 2.51
CA ILE A 82 16.50 -8.22 3.59
C ILE A 82 15.35 -9.21 3.39
N TYR A 83 14.16 -8.71 3.02
CA TYR A 83 13.03 -9.61 2.82
C TYR A 83 13.11 -10.38 1.50
N GLN A 84 13.69 -9.80 0.45
CA GLN A 84 13.93 -10.56 -0.77
C GLN A 84 14.82 -11.78 -0.50
N LEU A 85 15.80 -11.64 0.40
CA LEU A 85 16.74 -12.71 0.71
C LEU A 85 16.26 -13.65 1.82
N MET A 86 15.11 -13.39 2.42
CA MET A 86 14.58 -14.28 3.41
C MET A 86 13.98 -15.52 2.75
N ASP A 87 13.83 -16.57 3.52
CA ASP A 87 13.26 -17.82 3.03
C ASP A 87 11.78 -17.82 3.34
N HIS A 88 10.96 -17.60 2.30
CA HIS A 88 9.51 -17.57 2.45
C HIS A 88 8.89 -18.93 2.14
N SER A 89 9.69 -20.01 2.15
CA SER A 89 9.19 -21.31 1.67
C SER A 89 7.97 -21.76 2.45
N ASN A 90 7.93 -21.45 3.74
CA ASN A 90 6.83 -21.86 4.60
C ASN A 90 5.75 -20.81 4.72
N MET A 91 5.83 -19.75 3.92
CA MET A 91 4.78 -18.74 3.87
C MET A 91 3.95 -18.93 2.62
N ASP A 92 2.72 -18.40 2.66
CA ASP A 92 1.83 -18.45 1.54
C ASP A 92 1.64 -17.10 0.84
N CYS A 93 2.15 -16.03 1.41
CA CYS A 93 1.88 -14.68 0.90
C CYS A 93 2.95 -13.72 1.47
N PHE A 94 3.07 -12.55 0.80
CA PHE A 94 3.94 -11.48 1.29
C PHE A 94 3.20 -10.18 1.06
N ILE A 95 3.21 -9.31 2.08
CA ILE A 95 2.53 -8.00 1.98
C ILE A 95 3.53 -6.91 2.36
N CYS A 96 3.53 -5.82 1.61
CA CYS A 96 4.38 -4.65 1.91
C CYS A 96 3.49 -3.41 1.84
N CYS A 97 3.44 -2.67 2.94
CA CYS A 97 2.69 -1.41 2.98
C CYS A 97 3.66 -0.25 3.10
N ILE A 98 3.53 0.75 2.21
CA ILE A 98 4.36 1.94 2.22
C ILE A 98 3.48 3.15 2.49
N LEU A 99 3.81 3.88 3.53
CA LEU A 99 3.07 5.06 3.96
C LEU A 99 4.07 6.20 3.87
N SER A 100 3.88 7.10 2.90
CA SER A 100 4.90 8.12 2.68
C SER A 100 4.31 9.23 1.81
N HIS A 101 5.15 10.23 1.51
CA HIS A 101 4.87 11.14 0.42
C HIS A 101 5.25 10.50 -0.91
N GLY A 102 4.67 11.03 -1.99
CA GLY A 102 5.04 10.55 -3.32
C GLY A 102 4.73 11.57 -4.39
N ASP A 103 5.04 11.16 -5.60
CA ASP A 103 4.81 11.92 -6.84
C ASP A 103 4.56 10.90 -7.95
N LYS A 104 4.47 11.38 -9.17
CA LYS A 104 4.11 10.49 -10.30
C LYS A 104 5.01 9.26 -10.42
N GLY A 105 4.45 8.10 -10.08
CA GLY A 105 5.15 6.85 -10.23
C GLY A 105 6.18 6.56 -9.17
N ILE A 106 6.32 7.42 -8.15
CA ILE A 106 7.37 7.28 -7.15
C ILE A 106 6.83 7.44 -5.73
N ILE A 107 7.64 6.99 -4.75
CA ILE A 107 7.47 7.44 -3.37
C ILE A 107 8.75 8.14 -2.94
N TYR A 108 8.63 9.02 -1.96
CA TYR A 108 9.78 9.74 -1.43
C TYR A 108 10.23 9.07 -0.14
N GLY A 109 11.50 8.98 0.02
CA GLY A 109 12.07 8.68 1.33
C GLY A 109 11.96 9.90 2.23
N THR A 110 12.25 9.69 3.53
CA THR A 110 12.23 10.85 4.44
C THR A 110 13.29 11.89 4.06
N ASP A 111 14.30 11.48 3.30
CA ASP A 111 15.35 12.35 2.81
C ASP A 111 14.93 13.10 1.53
N GLY A 112 13.73 12.83 1.00
CA GLY A 112 13.30 13.44 -0.24
C GLY A 112 13.91 12.85 -1.49
N GLN A 113 14.69 11.78 -1.38
CA GLN A 113 15.08 11.07 -2.58
C GLN A 113 13.89 10.28 -3.11
N GLU A 114 13.98 9.84 -4.36
CA GLU A 114 12.85 9.17 -5.01
C GLU A 114 13.12 7.68 -5.20
N ALA A 115 12.10 6.87 -4.96
CA ALA A 115 12.16 5.44 -5.28
C ALA A 115 11.00 5.15 -6.23
N PRO A 116 11.24 4.83 -7.51
CA PRO A 116 10.13 4.42 -8.38
C PRO A 116 9.43 3.19 -7.81
N ILE A 117 8.09 3.21 -7.86
CA ILE A 117 7.32 2.10 -7.33
C ILE A 117 7.73 0.79 -7.98
N TYR A 118 7.99 0.80 -9.30
CA TYR A 118 8.40 -0.45 -9.95
C TYR A 118 9.70 -1.00 -9.37
N GLU A 119 10.58 -0.12 -8.92
CA GLU A 119 11.83 -0.59 -8.31
C GLU A 119 11.61 -1.25 -6.97
N LEU A 120 10.54 -0.89 -6.25
CA LEU A 120 10.21 -1.56 -5.01
C LEU A 120 9.55 -2.92 -5.26
N THR A 121 8.52 -2.96 -6.12
CA THR A 121 7.83 -4.23 -6.33
C THR A 121 8.72 -5.25 -7.04
N SER A 122 9.57 -4.77 -7.97
CA SER A 122 10.38 -5.72 -8.72
C SER A 122 11.47 -6.38 -7.88
N GLN A 123 11.67 -5.97 -6.62
CA GLN A 123 12.55 -6.77 -5.79
C GLN A 123 11.97 -8.13 -5.45
N PHE A 124 10.69 -8.38 -5.73
CA PHE A 124 10.04 -9.61 -5.29
C PHE A 124 9.53 -10.43 -6.46
N THR A 125 10.09 -10.21 -7.64
CA THR A 125 9.73 -11.07 -8.77
C THR A 125 10.13 -12.50 -8.48
N GLY A 126 9.59 -13.41 -9.29
CA GLY A 126 9.89 -14.81 -9.08
C GLY A 126 11.37 -15.14 -9.16
N LEU A 127 12.12 -14.43 -10.02
CA LEU A 127 13.55 -14.69 -10.17
C LEU A 127 14.32 -14.14 -8.99
N LYS A 128 13.94 -12.95 -8.50
CA LYS A 128 14.65 -12.37 -7.35
C LYS A 128 14.30 -13.05 -6.02
N CYS A 129 13.08 -13.57 -5.90
CA CYS A 129 12.61 -14.20 -4.66
C CYS A 129 11.89 -15.50 -5.03
N PRO A 130 12.63 -16.56 -5.35
CA PRO A 130 11.96 -17.82 -5.76
C PRO A 130 11.12 -18.45 -4.69
N SER A 131 11.43 -18.20 -3.41
CA SER A 131 10.59 -18.80 -2.39
C SER A 131 9.21 -18.17 -2.31
N LEU A 132 8.95 -17.09 -3.07
CA LEU A 132 7.60 -16.55 -3.22
C LEU A 132 7.02 -16.81 -4.62
N ALA A 133 7.72 -17.58 -5.44
CA ALA A 133 7.23 -17.87 -6.78
C ALA A 133 5.88 -18.62 -6.73
N GLY A 134 4.93 -18.15 -7.53
CA GLY A 134 3.61 -18.73 -7.50
C GLY A 134 2.74 -18.23 -6.39
N LYS A 135 3.28 -17.34 -5.50
CA LYS A 135 2.55 -16.91 -4.32
C LYS A 135 2.21 -15.42 -4.43
N PRO A 136 1.08 -15.00 -3.87
CA PRO A 136 0.66 -13.61 -4.02
C PRO A 136 1.60 -12.68 -3.28
N LYS A 137 1.95 -11.59 -3.95
CA LYS A 137 2.77 -10.52 -3.40
C LYS A 137 1.94 -9.25 -3.50
N VAL A 138 1.64 -8.68 -2.34
CA VAL A 138 0.69 -7.54 -2.26
C VAL A 138 1.37 -6.31 -1.72
N PHE A 139 1.22 -5.23 -2.46
CA PHE A 139 1.81 -3.92 -2.08
C PHE A 139 0.70 -2.89 -1.95
N PHE A 140 0.66 -2.25 -0.81
CA PHE A 140 -0.30 -1.15 -0.59
C PHE A 140 0.49 0.15 -0.48
N ILE A 141 0.18 1.13 -1.33
CA ILE A 141 0.98 2.35 -1.38
C ILE A 141 0.07 3.50 -1.04
N GLN A 142 0.25 4.06 0.16
CA GLN A 142 -0.46 5.26 0.58
C GLN A 142 0.52 6.42 0.44
N ALA A 143 0.37 7.19 -0.65
CA ALA A 143 1.22 8.33 -0.97
C ALA A 143 0.48 9.14 -2.03
N CYS A 144 0.82 10.42 -2.11
CA CYS A 144 0.36 11.12 -3.29
C CYS A 144 1.06 10.58 -4.53
N GLN A 145 0.47 10.86 -5.70
CA GLN A 145 1.12 10.53 -6.97
C GLN A 145 1.21 11.77 -7.85
N GLY A 146 1.30 12.92 -7.24
CA GLY A 146 1.29 14.19 -7.92
C GLY A 146 0.69 15.21 -6.98
N ASP A 147 0.55 16.43 -7.46
CA ASP A 147 -0.01 17.47 -6.62
C ASP A 147 -1.31 18.04 -7.18
N ASN A 148 -1.95 17.36 -8.12
CA ASN A 148 -3.26 17.82 -8.58
C ASN A 148 -4.40 17.30 -7.69
N TYR A 149 -5.47 18.10 -7.59
CA TYR A 149 -6.67 17.62 -6.95
C TYR A 149 -7.53 16.89 -7.99
N GLN A 150 -8.08 15.76 -7.58
CA GLN A 150 -9.01 15.02 -8.43
C GLN A 150 -10.36 15.71 -8.35
N LYS A 151 -10.92 16.10 -9.49
CA LYS A 151 -12.22 16.76 -9.50
C LYS A 151 -13.39 15.79 -9.29
N GLY A 152 -14.50 16.33 -8.81
CA GLY A 152 -15.72 15.55 -8.66
C GLY A 152 -16.67 15.72 -9.84
N ILE A 153 -17.53 14.71 -10.02
CA ILE A 153 -18.58 14.74 -11.04
C ILE A 153 -19.91 14.38 -10.41
N PRO A 154 -21.01 15.01 -10.82
CA PRO A 154 -22.30 14.72 -10.20
C PRO A 154 -22.94 13.47 -10.80
N VAL A 155 -23.48 12.62 -9.93
CA VAL A 155 -24.18 11.40 -10.35
C VAL A 155 -25.42 11.19 -9.50
N GLU A 156 -26.34 10.36 -10.00
CA GLU A 156 -27.51 10.02 -9.19
C GLU A 156 -27.13 9.07 -8.04
N THR A 157 -27.81 9.25 -6.91
CA THR A 157 -27.53 8.44 -5.72
C THR A 157 -27.98 6.99 -5.94
N ASP A 158 -27.24 6.06 -5.35
CA ASP A 158 -27.60 4.63 -5.35
C ASP A 158 -28.76 4.38 -4.39
N THR B 6 8.24 -29.49 -15.04
CA THR B 6 7.65 -28.46 -14.17
C THR B 6 6.97 -27.47 -15.08
N ARG B 7 6.27 -26.48 -14.53
CA ARG B 7 5.60 -25.50 -15.36
C ARG B 7 6.25 -24.14 -15.15
N TYR B 8 6.19 -23.27 -16.17
CA TYR B 8 6.73 -21.91 -16.04
C TYR B 8 5.63 -20.89 -16.14
N ILE B 9 5.70 -19.85 -15.32
CA ILE B 9 4.77 -18.73 -15.41
C ILE B 9 5.61 -17.46 -15.51
N PRO B 10 5.03 -16.29 -15.79
CA PRO B 10 5.83 -15.07 -15.92
C PRO B 10 6.46 -14.63 -14.61
N ASP B 11 7.70 -14.11 -14.74
CA ASP B 11 8.45 -13.52 -13.62
C ASP B 11 7.61 -12.55 -12.80
N GLU B 12 6.75 -11.74 -13.46
CA GLU B 12 5.96 -10.72 -12.78
C GLU B 12 4.54 -11.15 -12.46
N ALA B 13 4.27 -12.46 -12.42
CA ALA B 13 2.96 -12.97 -12.03
C ALA B 13 2.69 -12.78 -10.53
N ASP B 14 1.40 -12.81 -10.20
CA ASP B 14 0.95 -12.93 -8.83
C ASP B 14 1.20 -11.69 -8.01
N PHE B 15 1.15 -10.52 -8.62
CA PHE B 15 1.26 -9.27 -7.85
C PHE B 15 -0.09 -8.58 -7.73
N LEU B 16 -0.24 -7.89 -6.64
CA LEU B 16 -1.38 -6.98 -6.46
C LEU B 16 -0.83 -5.65 -5.93
N LEU B 17 -1.09 -4.59 -6.67
CA LEU B 17 -0.65 -3.25 -6.23
C LEU B 17 -1.89 -2.42 -5.95
N GLY B 18 -2.01 -2.04 -4.69
CA GLY B 18 -3.13 -1.20 -4.29
C GLY B 18 -2.65 0.22 -4.14
N MET B 19 -3.00 1.07 -5.10
CA MET B 19 -2.59 2.48 -5.01
C MET B 19 -3.70 3.27 -4.37
N ALA B 20 -3.31 4.20 -3.47
CA ALA B 20 -4.29 5.09 -2.85
C ALA B 20 -4.90 6.08 -3.83
N THR B 21 -4.23 6.37 -4.94
CA THR B 21 -4.74 7.34 -5.91
C THR B 21 -4.26 6.96 -7.29
N VAL B 22 -5.06 7.32 -8.30
CA VAL B 22 -4.63 7.41 -9.69
C VAL B 22 -3.42 8.33 -9.84
N ASN B 23 -2.72 8.20 -10.98
CA ASN B 23 -1.54 9.02 -11.20
C ASN B 23 -1.91 10.50 -11.24
N ASN B 24 -0.94 11.35 -10.85
CA ASN B 24 -0.96 12.80 -10.94
C ASN B 24 -1.64 13.48 -9.77
N CYS B 25 -2.29 12.73 -8.88
CA CYS B 25 -3.19 13.33 -7.89
C CYS B 25 -2.75 13.03 -6.48
N VAL B 26 -3.30 13.84 -5.56
CA VAL B 26 -3.04 13.72 -4.14
C VAL B 26 -3.87 12.58 -3.55
N SER B 27 -3.44 12.10 -2.39
CA SER B 27 -4.32 11.30 -1.55
C SER B 27 -4.32 11.94 -0.17
N TYR B 28 -5.38 11.72 0.57
CA TYR B 28 -5.64 12.49 1.76
C TYR B 28 -5.27 11.76 3.05
N ARG B 29 -4.80 12.56 4.00
CA ARG B 29 -4.45 12.10 5.34
C ARG B 29 -5.09 13.02 6.36
N ASN B 30 -6.03 12.50 7.13
CA ASN B 30 -6.60 13.23 8.27
C ASN B 30 -5.68 13.00 9.46
N PRO B 31 -4.98 14.03 9.94
CA PRO B 31 -4.02 13.83 11.03
C PRO B 31 -4.61 13.26 12.30
N ALA B 32 -5.93 13.36 12.48
CA ALA B 32 -6.61 12.87 13.67
C ALA B 32 -7.29 11.52 13.43
N GLU B 33 -7.27 10.99 12.19
CA GLU B 33 -7.94 9.71 11.89
C GLU B 33 -7.11 8.72 11.10
N GLY B 34 -6.13 9.17 10.32
CA GLY B 34 -5.48 8.30 9.38
C GLY B 34 -5.87 8.69 7.96
N THR B 35 -5.38 7.92 6.99
CA THR B 35 -5.64 8.27 5.60
C THR B 35 -6.98 7.71 5.11
N TRP B 36 -7.54 8.39 4.11
CA TRP B 36 -8.80 7.90 3.53
C TRP B 36 -8.64 6.47 3.06
N TYR B 37 -7.54 6.20 2.35
CA TYR B 37 -7.36 4.89 1.75
C TYR B 37 -7.07 3.79 2.79
N ILE B 38 -6.08 4.00 3.68
CA ILE B 38 -5.72 2.90 4.58
C ILE B 38 -6.85 2.64 5.56
N GLN B 39 -7.50 3.69 6.06
CA GLN B 39 -8.58 3.44 7.02
C GLN B 39 -9.76 2.72 6.35
N SER B 40 -10.08 3.08 5.09
CA SER B 40 -11.14 2.36 4.39
C SER B 40 -10.73 0.93 4.08
N LEU B 41 -9.47 0.74 3.66
CA LEU B 41 -8.97 -0.60 3.34
C LEU B 41 -9.08 -1.50 4.55
N CYS B 42 -8.63 -1.02 5.72
CA CYS B 42 -8.64 -1.87 6.90
C CYS B 42 -10.06 -2.18 7.33
N GLN B 43 -10.96 -1.20 7.27
CA GLN B 43 -12.34 -1.50 7.65
C GLN B 43 -12.93 -2.57 6.74
N SER B 44 -12.70 -2.46 5.44
CA SER B 44 -13.27 -3.43 4.52
C SER B 44 -12.66 -4.81 4.69
N LEU B 45 -11.33 -4.91 4.84
CA LEU B 45 -10.70 -6.20 5.12
C LEU B 45 -11.26 -6.85 6.38
N ARG B 46 -11.36 -6.08 7.47
CA ARG B 46 -11.83 -6.69 8.71
C ARG B 46 -13.28 -7.14 8.61
N GLU B 47 -14.11 -6.39 7.87
CA GLU B 47 -15.50 -6.82 7.76
C GLU B 47 -15.67 -7.97 6.76
N ARG B 48 -14.95 -7.96 5.64
CA ARG B 48 -15.25 -8.90 4.56
C ARG B 48 -14.34 -10.11 4.49
N CYS B 49 -13.10 -10.03 4.98
CA CYS B 49 -12.27 -11.24 4.93
C CYS B 49 -12.88 -12.39 5.69
N PRO B 50 -13.46 -12.24 6.89
CA PRO B 50 -14.08 -13.38 7.57
C PRO B 50 -15.25 -14.00 6.82
N ARG B 51 -15.85 -13.27 5.89
CA ARG B 51 -16.93 -13.80 5.05
C ARG B 51 -16.41 -14.57 3.85
N GLY B 52 -15.11 -14.57 3.62
CA GLY B 52 -14.56 -15.27 2.49
C GLY B 52 -14.50 -14.46 1.23
N ASP B 53 -14.72 -13.14 1.31
CA ASP B 53 -14.65 -12.31 0.12
C ASP B 53 -13.20 -12.17 -0.36
N ASP B 54 -13.05 -12.04 -1.68
CA ASP B 54 -11.71 -11.95 -2.21
C ASP B 54 -11.24 -10.49 -2.27
N ILE B 55 -9.93 -10.33 -2.48
CA ILE B 55 -9.34 -9.00 -2.32
C ILE B 55 -9.80 -8.05 -3.42
N LEU B 56 -10.09 -8.54 -4.63
CA LEU B 56 -10.51 -7.62 -5.70
C LEU B 56 -11.90 -7.09 -5.40
N THR B 57 -12.79 -7.93 -4.87
CA THR B 57 -14.08 -7.46 -4.40
C THR B 57 -13.92 -6.45 -3.26
N ILE B 58 -13.03 -6.73 -2.32
CA ILE B 58 -12.82 -5.81 -1.20
C ILE B 58 -12.27 -4.48 -1.73
N LEU B 59 -11.30 -4.54 -2.65
CA LEU B 59 -10.74 -3.28 -3.18
C LEU B 59 -11.73 -2.50 -4.04
N THR B 60 -12.66 -3.18 -4.70
CA THR B 60 -13.76 -2.48 -5.35
C THR B 60 -14.59 -1.69 -4.35
N GLU B 61 -14.90 -2.30 -3.20
CA GLU B 61 -15.63 -1.58 -2.16
C GLU B 61 -14.82 -0.41 -1.63
N VAL B 62 -13.51 -0.57 -1.49
CA VAL B 62 -12.68 0.57 -1.10
C VAL B 62 -12.79 1.69 -2.12
N ASN B 63 -12.74 1.36 -3.41
CA ASN B 63 -12.96 2.37 -4.42
C ASN B 63 -14.30 3.07 -4.21
N TYR B 64 -15.36 2.31 -3.93
CA TYR B 64 -16.68 2.89 -3.72
C TYR B 64 -16.67 3.84 -2.53
N GLU B 65 -16.10 3.39 -1.42
CA GLU B 65 -16.19 4.17 -0.19
C GLU B 65 -15.32 5.43 -0.28
N VAL B 66 -14.09 5.30 -0.77
CA VAL B 66 -13.22 6.47 -0.89
C VAL B 66 -13.79 7.46 -1.88
N SER B 67 -14.46 6.97 -2.93
CA SER B 67 -15.07 7.85 -3.91
C SER B 67 -16.16 8.73 -3.31
N ASN B 68 -16.72 8.38 -2.16
CA ASN B 68 -17.76 9.20 -1.56
C ASN B 68 -17.22 10.19 -0.54
N LYS B 69 -15.92 10.17 -0.29
CA LYS B 69 -15.30 11.16 0.59
C LYS B 69 -15.02 12.45 -0.18
N ASP B 70 -15.03 13.58 0.56
CA ASP B 70 -14.83 14.90 -0.05
C ASP B 70 -13.85 15.73 0.78
N ASP B 71 -13.00 16.47 0.09
CA ASP B 71 -12.21 17.55 0.68
C ASP B 71 -12.99 18.83 0.43
N LYS B 72 -13.68 19.34 1.45
CA LYS B 72 -14.52 20.52 1.26
C LYS B 72 -13.75 21.83 1.34
N LYS B 73 -12.42 21.80 1.51
CA LYS B 73 -11.63 23.01 1.38
C LYS B 73 -11.28 23.28 -0.08
N ASN B 74 -10.97 22.24 -0.84
CA ASN B 74 -10.66 22.39 -2.25
C ASN B 74 -11.71 21.82 -3.19
N MET B 75 -12.79 21.25 -2.67
CA MET B 75 -13.71 20.48 -3.50
C MET B 75 -13.00 19.31 -4.19
N GLY B 76 -12.14 18.66 -3.45
CA GLY B 76 -11.32 17.60 -3.98
C GLY B 76 -11.92 16.23 -3.72
N LYS B 77 -11.53 15.28 -4.58
CA LYS B 77 -11.90 13.88 -4.43
C LYS B 77 -10.64 13.02 -4.45
N GLN B 78 -10.82 11.71 -4.28
CA GLN B 78 -9.69 10.79 -4.33
C GLN B 78 -10.17 9.50 -4.95
N MET B 79 -9.42 9.01 -5.93
CA MET B 79 -9.80 7.79 -6.66
C MET B 79 -8.69 6.75 -6.51
N PRO B 80 -8.84 5.76 -5.64
CA PRO B 80 -7.84 4.69 -5.55
C PRO B 80 -7.89 3.83 -6.80
N GLN B 81 -6.80 3.02 -6.95
CA GLN B 81 -6.59 2.28 -8.19
C GLN B 81 -5.76 1.02 -7.99
N PRO B 82 -6.39 -0.15 -7.92
CA PRO B 82 -5.60 -1.39 -7.92
C PRO B 82 -5.17 -1.77 -9.30
N THR B 83 -4.02 -2.47 -9.36
CA THR B 83 -3.50 -3.08 -10.57
CA THR B 83 -3.50 -3.08 -10.57
C THR B 83 -3.01 -4.47 -10.19
N PHE B 84 -3.18 -5.45 -11.06
CA PHE B 84 -2.87 -6.80 -10.63
C PHE B 84 -2.38 -7.72 -11.75
N THR B 85 -1.47 -8.62 -11.38
CA THR B 85 -1.14 -9.78 -12.22
C THR B 85 -1.50 -11.08 -11.51
N LEU B 86 -2.43 -11.03 -10.56
CA LEU B 86 -2.91 -12.22 -9.89
C LEU B 86 -3.51 -13.16 -10.94
N ARG B 87 -3.24 -14.45 -10.75
CA ARG B 87 -3.77 -15.50 -11.61
C ARG B 87 -4.83 -16.35 -10.93
N LYS B 88 -5.07 -16.15 -9.65
CA LYS B 88 -6.09 -16.87 -8.91
C LYS B 88 -6.80 -15.87 -8.00
N LYS B 89 -7.92 -16.32 -7.44
CA LYS B 89 -8.61 -15.55 -6.41
C LYS B 89 -7.74 -15.47 -5.17
N LEU B 90 -7.71 -14.29 -4.54
CA LEU B 90 -6.92 -14.07 -3.32
C LEU B 90 -7.88 -13.84 -2.17
N VAL B 91 -7.88 -14.76 -1.22
CA VAL B 91 -8.67 -14.64 0.01
C VAL B 91 -7.72 -14.72 1.20
N PHE B 92 -8.09 -14.04 2.28
CA PHE B 92 -7.36 -14.09 3.54
C PHE B 92 -8.28 -14.69 4.58
N PRO B 93 -8.33 -16.01 4.72
CA PRO B 93 -9.25 -16.62 5.68
C PRO B 93 -8.91 -16.21 7.10
N SER B 94 -9.93 -16.22 7.95
CA SER B 94 -9.78 -15.84 9.34
C SER B 94 -10.76 -16.58 10.24
C ACE C 1 -2.20 21.39 6.12
O ACE C 1 -2.25 20.20 5.80
CH3 ACE C 1 -2.16 22.49 5.11
N 1MH C 2 -2.03 21.58 7.42
CA 1MH C 2 -2.01 20.52 8.43
C 1MH C 2 -3.27 19.67 8.38
O 1MH C 2 -3.16 18.41 8.50
CB 1MH C 2 -1.99 21.17 9.82
C6 1MH C 2 -2.00 20.07 10.91
C7 1MH C 2 -3.19 19.78 11.58
N8 1MH C 2 -3.21 18.79 12.54
C9 1MH C 2 -2.04 18.13 12.84
C10 1MH C 2 -0.86 18.39 12.18
C11 1MH C 2 -0.84 19.39 11.22
N ASP C 3 -4.43 20.26 8.25
CA ASP C 3 -5.65 19.46 8.35
C ASP C 3 -5.86 18.59 7.12
O B3L C 4 -4.75 15.35 3.46
C B3L C 4 -3.77 16.09 3.66
CB B3L C 4 -3.83 17.04 4.87
CA B3L C 4 -5.10 17.89 4.83
N B3L C 4 -5.11 18.75 6.03
CG B3L C 4 -5.07 18.84 3.63
CD B3L C 4 -6.40 19.59 3.52
CE2 B3L C 4 -6.40 20.47 2.28
CE1 B3L C 4 -7.60 18.65 3.60
N PHE C 5 -2.73 16.42 2.93
CA PHE C 5 -2.62 15.35 1.96
C PHE C 5 -1.16 14.97 1.78
C01 Y1Y C 6 5.94 18.52 -5.55
C02 Y1Y C 6 5.02 17.65 -4.71
C03 Y1Y C 6 4.72 16.29 -4.89
C04 Y1Y C 6 3.79 15.75 -3.94
C05 Y1Y C 6 3.41 16.72 -3.00
C06 Y1Y C 6 2.46 16.52 -1.84
C08 Y1Y C 6 1.15 15.03 -0.66
C Y1Y C 6 1.00 13.56 -0.38
CA Y1Y C 6 0.34 13.18 0.94
C11 Y1Y C 6 0.13 11.66 1.13
C12 Y1Y C 6 0.08 11.36 2.64
N Y1Y C 6 -0.92 13.87 1.07
O07 Y1Y C 6 2.06 15.24 -1.66
O13 Y1Y C 6 0.57 12.15 3.55
O14 Y1Y C 6 -0.47 10.27 3.01
O Y1Y C 6 1.97 12.66 -0.75
O17 Y1Y C 6 2.16 17.43 -1.11
S18 Y1Y C 6 4.13 18.18 -3.37
#